data_7LFC
#
_entry.id   7LFC
#
_cell.length_a   47.650
_cell.length_b   59.070
_cell.length_c   86.090
_cell.angle_alpha   90.000
_cell.angle_beta   96.340
_cell.angle_gamma   90.000
#
_symmetry.space_group_name_H-M   'P 1 21 1'
#
loop_
_entity.id
_entity.type
_entity.pdbx_description
1 polymer 'Importin subunit alpha-3'
2 polymer 'Nuclear factor NF-kappa-B p105 subunit'
3 water water
#
loop_
_entity_poly.entity_id
_entity_poly.type
_entity_poly.pdbx_seq_one_letter_code
_entity_poly.pdbx_strand_id
1 'polypeptide(L)'
;MADNEKLDNQRLKNFKNKGRDLETMRRQRNEVVVELRKNKRDEHLLKRRNVPHEDICEDSDIDGDYRVQNTSLEAIVQNA
SSDNQGIQLSAVQAARKLLSSDRNPPIDDLIKSGILPILVHCLERDDNPSLQFEAAWALTNIASGTSEQTQAVVQSNAVP
LFLRLLHSPHQNVCEQAVWALGNIIGDGPQCRDYVISLGVVKPLLSFISPSIPITFLRNVTWVMVNLCRHKDPPPPMETI
QEILPALCVLIHHTDVNILVDTVWALSYLTDAGNEQIQMVIDSGIVPHLVPLLSHQEVKVQTAALRAVGNIVTGTDEQTQ
VVLNCDALSHFPALLTHPKEKINKEAVWFLSNITAGNQQQVQAVIDANLVPMIIHLLDKGDFGTQKEAAWAISNLTISGR
KDQVAYLIQQNVIPPFCNLLTVKDAQVVQVVLDGLSNILKMAEDEAETIGNLIEECGGLEKIEQLQNHENEDIYKLAYEI
IDQFFSSDDIDEDPSLVPEAIQGGTFGFNSSANVPTEGFQF
;
A
2 'polypeptide(L)' DKEEVQRKRQKLMP B
#
# COMPACT_ATOMS: atom_id res chain seq x y z
N SER A 72 30.53 25.37 16.40
CA SER A 72 30.60 25.16 17.84
C SER A 72 29.20 25.24 18.44
N LEU A 73 28.69 24.08 18.87
CA LEU A 73 27.25 23.92 19.04
C LEU A 73 26.76 24.44 20.40
N GLU A 74 27.63 24.42 21.40
CA GLU A 74 27.26 24.98 22.73
C GLU A 74 27.04 26.47 22.56
N ALA A 75 27.86 27.11 21.74
CA ALA A 75 27.70 28.54 21.46
C ALA A 75 26.42 28.80 20.65
N ILE A 76 26.09 27.93 19.70
CA ILE A 76 24.83 28.09 18.99
C ILE A 76 23.66 28.04 19.97
N VAL A 77 23.70 27.05 20.88
CA VAL A 77 22.61 26.89 21.85
C VAL A 77 22.50 28.10 22.77
N GLN A 78 23.62 28.59 23.26
CA GLN A 78 23.60 29.83 24.05
C GLN A 78 22.97 30.97 23.27
N ASN A 79 23.48 31.23 22.05
CA ASN A 79 23.01 32.37 21.26
C ASN A 79 21.54 32.23 20.89
N ALA A 80 21.03 31.00 20.72
CA ALA A 80 19.64 30.81 20.33
C ALA A 80 18.68 31.28 21.42
N SER A 81 19.18 31.44 22.65
CA SER A 81 18.46 31.96 23.81
C SER A 81 18.42 33.50 23.85
N SER A 82 19.28 34.17 23.10
CA SER A 82 19.54 35.59 23.30
C SER A 82 18.29 36.44 23.08
N ASP A 83 18.20 37.53 23.85
CA ASP A 83 17.18 38.54 23.68
C ASP A 83 17.53 39.54 22.57
N ASN A 84 18.75 39.49 22.04
CA ASN A 84 19.06 40.22 20.83
C ASN A 84 18.58 39.38 19.64
N GLN A 85 17.67 39.95 18.85
CA GLN A 85 17.03 39.14 17.82
C GLN A 85 18.04 38.68 16.78
N GLY A 86 18.95 39.57 16.38
CA GLY A 86 19.96 39.20 15.40
C GLY A 86 20.78 38.01 15.86
N ILE A 87 21.31 38.08 17.08
CA ILE A 87 22.06 36.96 17.64
C ILE A 87 21.25 35.67 17.63
N GLN A 88 20.01 35.76 18.10
CA GLN A 88 19.16 34.57 18.20
C GLN A 88 18.84 34.00 16.82
N LEU A 89 18.44 34.85 15.87
CA LEU A 89 18.09 34.33 14.55
C LEU A 89 19.32 33.70 13.91
N SER A 90 20.48 34.35 14.02
CA SER A 90 21.71 33.77 13.48
C SER A 90 22.00 32.39 14.04
N ALA A 91 21.83 32.22 15.37
CA ALA A 91 22.08 30.91 15.97
C ALA A 91 21.09 29.87 15.44
N VAL A 92 19.80 30.22 15.39
CA VAL A 92 18.82 29.23 14.94
C VAL A 92 19.05 28.87 13.47
N GLN A 93 19.45 29.84 12.66
CA GLN A 93 19.80 29.57 11.26
C GLN A 93 21.04 28.67 11.17
N ALA A 94 22.05 28.91 12.02
CA ALA A 94 23.24 28.05 11.99
C ALA A 94 22.88 26.61 12.32
N ALA A 95 21.98 26.40 13.28
CA ALA A 95 21.50 25.06 13.58
C ALA A 95 20.76 24.45 12.39
N ARG A 96 19.85 25.23 11.79
CA ARG A 96 19.13 24.75 10.60
C ARG A 96 20.09 24.34 9.50
N LYS A 97 21.12 25.15 9.26
CA LYS A 97 22.09 24.84 8.23
C LYS A 97 22.86 23.56 8.56
N LEU A 98 23.23 23.38 9.83
CA LEU A 98 23.90 22.14 10.19
C LEU A 98 22.98 20.93 9.98
N LEU A 99 21.67 21.13 10.05
CA LEU A 99 20.73 20.01 9.90
C LEU A 99 20.22 19.82 8.48
N SER A 100 20.63 20.67 7.51
CA SER A 100 20.03 20.67 6.18
C SER A 100 21.03 20.66 5.02
N SER A 101 22.33 20.70 5.27
CA SER A 101 23.25 20.96 4.16
C SER A 101 23.62 19.70 3.39
N ASP A 102 23.61 18.54 4.04
CA ASP A 102 23.67 17.25 3.38
C ASP A 102 22.59 16.36 3.99
N ARG A 103 22.55 15.09 3.59
CA ARG A 103 21.54 14.19 4.12
C ARG A 103 22.15 13.10 5.02
N ASN A 104 23.19 13.46 5.75
CA ASN A 104 23.58 12.78 6.99
C ASN A 104 23.83 13.83 8.06
N PRO A 105 22.76 14.53 8.49
CA PRO A 105 22.94 15.63 9.45
C PRO A 105 23.32 15.12 10.82
N PRO A 106 24.01 15.94 11.63
CA PRO A 106 24.45 15.53 12.98
C PRO A 106 23.34 15.68 14.01
N ILE A 107 22.31 14.84 13.91
CA ILE A 107 21.08 15.06 14.69
C ILE A 107 21.33 14.84 16.18
N ASP A 108 22.06 13.77 16.52
CA ASP A 108 22.33 13.45 17.92
C ASP A 108 23.13 14.56 18.58
N ASP A 109 24.11 15.11 17.87
CA ASP A 109 24.88 16.22 18.44
C ASP A 109 23.96 17.37 18.82
N LEU A 110 23.03 17.76 17.94
CA LEU A 110 22.15 18.89 18.25
C LEU A 110 21.22 18.56 19.41
N ILE A 111 20.67 17.34 19.45
CA ILE A 111 19.78 16.95 20.54
C ILE A 111 20.52 17.02 21.88
N LYS A 112 21.71 16.42 21.96
CA LYS A 112 22.43 16.40 23.23
C LYS A 112 22.91 17.79 23.64
N SER A 113 22.91 18.75 22.72
CA SER A 113 23.34 20.11 23.05
C SER A 113 22.32 20.86 23.89
N GLY A 114 21.06 20.41 23.92
CA GLY A 114 20.00 21.15 24.58
C GLY A 114 19.21 22.10 23.69
N ILE A 115 19.45 22.08 22.37
CA ILE A 115 18.78 23.04 21.49
C ILE A 115 17.27 22.83 21.36
N LEU A 116 16.75 21.64 21.72
CA LEU A 116 15.34 21.34 21.45
C LEU A 116 14.36 22.28 22.15
N PRO A 117 14.44 22.53 23.46
CA PRO A 117 13.46 23.44 24.07
C PRO A 117 13.53 24.86 23.53
N ILE A 118 14.72 25.34 23.15
CA ILE A 118 14.84 26.67 22.56
C ILE A 118 14.13 26.74 21.19
N LEU A 119 14.31 25.73 20.35
CA LEU A 119 13.60 25.75 19.07
C LEU A 119 12.09 25.70 19.29
N VAL A 120 11.64 24.85 20.20
CA VAL A 120 10.22 24.77 20.49
C VAL A 120 9.69 26.11 21.00
N HIS A 121 10.42 26.77 21.89
CA HIS A 121 10.08 28.13 22.26
C HIS A 121 9.99 29.06 21.04
N CYS A 122 10.93 28.93 20.09
CA CYS A 122 10.92 29.81 18.92
C CYS A 122 9.65 29.62 18.10
N LEU A 123 9.05 28.44 18.15
CA LEU A 123 7.78 28.23 17.43
C LEU A 123 6.67 29.18 17.88
N GLU A 124 6.78 29.76 19.08
CA GLU A 124 5.80 30.71 19.62
C GLU A 124 5.94 32.13 19.09
N ARG A 125 7.04 32.46 18.40
CA ARG A 125 7.35 33.84 18.05
C ARG A 125 6.54 34.26 16.82
N ASP A 126 5.26 34.56 17.06
CA ASP A 126 4.36 34.97 15.98
C ASP A 126 4.75 36.32 15.39
N ASP A 127 5.56 37.10 16.10
CA ASP A 127 6.03 38.38 15.58
C ASP A 127 7.13 38.24 14.54
N ASN A 128 7.80 37.08 14.45
CA ASN A 128 8.92 36.89 13.54
C ASN A 128 8.69 35.61 12.75
N PRO A 129 7.98 35.69 11.63
CA PRO A 129 7.70 34.48 10.82
C PRO A 129 8.96 33.79 10.33
N SER A 130 10.05 34.54 10.15
CA SER A 130 11.32 33.94 9.74
C SER A 130 11.91 33.09 10.87
N LEU A 131 11.87 33.58 12.12
CA LEU A 131 12.39 32.79 13.24
C LEU A 131 11.63 31.47 13.37
N GLN A 132 10.30 31.53 13.33
CA GLN A 132 9.56 30.29 13.53
C GLN A 132 9.71 29.38 12.35
N PHE A 133 9.85 29.93 11.13
CA PHE A 133 10.15 29.09 9.98
C PHE A 133 11.49 28.35 10.16
N GLU A 134 12.54 29.07 10.57
CA GLU A 134 13.84 28.44 10.74
C GLU A 134 13.82 27.38 11.86
N ALA A 135 13.20 27.70 12.99
CA ALA A 135 13.11 26.70 14.04
C ALA A 135 12.28 25.51 13.58
N ALA A 136 11.18 25.74 12.86
CA ALA A 136 10.36 24.61 12.42
C ALA A 136 11.12 23.77 11.42
N TRP A 137 11.95 24.40 10.59
CA TRP A 137 12.80 23.66 9.66
C TRP A 137 13.80 22.80 10.43
N ALA A 138 14.49 23.40 11.41
CA ALA A 138 15.46 22.63 12.19
C ALA A 138 14.79 21.44 12.87
N LEU A 139 13.61 21.65 13.44
CA LEU A 139 12.90 20.57 14.12
C LEU A 139 12.42 19.52 13.11
N THR A 140 11.96 19.96 11.93
CA THR A 140 11.57 19.03 10.87
C THR A 140 12.69 18.05 10.58
N ASN A 141 13.91 18.56 10.44
CA ASN A 141 15.02 17.69 10.08
C ASN A 141 15.51 16.84 11.24
N ILE A 142 15.37 17.31 12.48
CA ILE A 142 15.64 16.39 13.59
C ILE A 142 14.62 15.26 13.58
N ALA A 143 13.35 15.59 13.33
CA ALA A 143 12.26 14.61 13.34
C ALA A 143 12.32 13.67 12.15
N SER A 144 13.13 13.97 11.14
CA SER A 144 13.28 13.09 10.00
C SER A 144 14.26 11.97 10.25
N GLY A 145 14.85 11.87 11.44
CA GLY A 145 15.84 10.84 11.72
C GLY A 145 15.24 9.54 12.22
N THR A 146 15.99 8.84 13.05
CA THR A 146 15.50 7.62 13.69
C THR A 146 14.28 7.92 14.57
N SER A 147 13.56 6.85 14.93
CA SER A 147 12.42 6.97 15.84
C SER A 147 12.82 7.63 17.18
N GLU A 148 13.98 7.26 17.70
CA GLU A 148 14.67 7.93 18.81
C GLU A 148 14.64 9.43 18.67
N GLN A 149 15.13 9.94 17.55
CA GLN A 149 15.24 11.39 17.38
C GLN A 149 13.88 12.06 17.17
N THR A 150 12.98 11.41 16.43
CA THR A 150 11.63 11.92 16.29
C THR A 150 10.94 12.02 17.64
N GLN A 151 11.09 10.98 18.48
CA GLN A 151 10.46 11.01 19.78
C GLN A 151 11.11 12.04 20.69
N ALA A 152 12.39 12.35 20.50
CA ALA A 152 12.95 13.43 21.30
C ALA A 152 12.27 14.76 20.96
N VAL A 153 12.01 14.99 19.67
CA VAL A 153 11.22 16.17 19.29
C VAL A 153 9.84 16.13 19.93
N VAL A 154 9.18 14.97 19.92
CA VAL A 154 7.84 14.88 20.49
C VAL A 154 7.88 15.12 22.00
N GLN A 155 8.86 14.54 22.69
CA GLN A 155 9.02 14.69 24.13
C GLN A 155 9.29 16.14 24.50
N SER A 156 9.82 16.94 23.59
CA SER A 156 10.04 18.34 23.90
C SER A 156 8.78 19.22 23.74
N ASN A 157 7.60 18.62 23.55
CA ASN A 157 6.30 19.32 23.42
C ASN A 157 6.15 20.06 22.09
N ALA A 158 6.84 19.64 21.03
CA ALA A 158 6.74 20.37 19.78
C ALA A 158 5.35 20.26 19.17
N VAL A 159 4.64 19.14 19.39
CA VAL A 159 3.43 18.87 18.61
C VAL A 159 2.35 19.94 18.83
N PRO A 160 2.01 20.33 20.06
CA PRO A 160 1.00 21.39 20.23
C PRO A 160 1.38 22.70 19.58
N LEU A 161 2.68 23.03 19.56
CA LEU A 161 3.11 24.28 18.96
C LEU A 161 2.99 24.22 17.43
N PHE A 162 3.33 23.06 16.85
CA PHE A 162 3.15 22.84 15.40
C PHE A 162 1.68 22.91 15.00
N LEU A 163 0.80 22.29 15.81
CA LEU A 163 -0.63 22.35 15.53
C LEU A 163 -1.11 23.78 15.53
N ARG A 164 -0.58 24.58 16.46
CA ARG A 164 -0.92 25.99 16.48
C ARG A 164 -0.41 26.72 15.23
N LEU A 165 0.79 26.37 14.78
CA LEU A 165 1.31 26.99 13.56
C LEU A 165 0.48 26.67 12.32
N LEU A 166 -0.30 25.58 12.36
CA LEU A 166 -1.18 25.31 11.22
C LEU A 166 -2.14 26.47 10.93
N HIS A 167 -2.37 27.34 11.92
CA HIS A 167 -3.25 28.50 11.76
C HIS A 167 -2.49 29.79 11.52
N SER A 168 -1.19 29.72 11.27
CA SER A 168 -0.46 30.93 10.91
C SER A 168 -1.04 31.50 9.62
N PRO A 169 -1.06 32.82 9.48
CA PRO A 169 -1.44 33.41 8.17
C PRO A 169 -0.36 33.29 7.10
N HIS A 170 0.81 32.73 7.43
CA HIS A 170 2.00 32.78 6.59
C HIS A 170 2.24 31.41 5.96
N GLN A 171 2.06 31.32 4.65
CA GLN A 171 1.96 30.01 4.01
C GLN A 171 3.23 29.16 4.22
N ASN A 172 4.42 29.77 4.16
CA ASN A 172 5.66 29.02 4.40
C ASN A 172 5.70 28.44 5.80
N VAL A 173 5.27 29.23 6.79
CA VAL A 173 5.27 28.72 8.16
C VAL A 173 4.31 27.55 8.29
N CYS A 174 3.08 27.70 7.77
CA CYS A 174 2.12 26.60 7.76
C CYS A 174 2.74 25.37 7.16
N GLU A 175 3.38 25.55 6.01
CA GLU A 175 3.92 24.43 5.27
C GLU A 175 5.00 23.72 6.06
N GLN A 176 5.88 24.49 6.70
CA GLN A 176 6.92 23.84 7.49
C GLN A 176 6.33 23.09 8.68
N ALA A 177 5.25 23.63 9.27
CA ALA A 177 4.59 22.91 10.36
C ALA A 177 3.96 21.61 9.86
N VAL A 178 3.36 21.65 8.67
CA VAL A 178 2.79 20.44 8.06
C VAL A 178 3.92 19.42 7.85
N TRP A 179 5.06 19.88 7.35
CA TRP A 179 6.16 18.98 7.05
C TRP A 179 6.67 18.31 8.34
N ALA A 180 6.87 19.11 9.39
CA ALA A 180 7.31 18.54 10.67
C ALA A 180 6.31 17.52 11.20
N LEU A 181 5.01 17.87 11.17
CA LEU A 181 4.02 16.93 11.69
C LEU A 181 3.99 15.66 10.87
N GLY A 182 4.22 15.77 9.55
CA GLY A 182 4.28 14.58 8.73
C GLY A 182 5.40 13.65 9.14
N ASN A 183 6.57 14.22 9.45
CA ASN A 183 7.66 13.37 9.96
C ASN A 183 7.29 12.71 11.28
N ILE A 184 6.60 13.46 12.16
CA ILE A 184 6.23 12.90 13.47
C ILE A 184 5.19 11.81 13.31
N ILE A 185 4.14 12.09 12.53
CA ILE A 185 3.06 11.14 12.29
C ILE A 185 3.62 9.86 11.68
N GLY A 186 4.58 9.99 10.75
CA GLY A 186 5.13 8.84 10.10
C GLY A 186 5.97 7.95 10.98
N ASP A 187 6.27 8.37 12.22
CA ASP A 187 7.14 7.53 13.05
C ASP A 187 6.46 6.24 13.47
N GLY A 188 5.14 6.25 13.67
CA GLY A 188 4.42 5.08 14.14
C GLY A 188 3.01 5.40 14.61
N PRO A 189 2.22 4.37 14.95
CA PRO A 189 0.77 4.59 15.14
C PRO A 189 0.37 5.27 16.46
N GLN A 190 1.15 5.05 17.52
CA GLN A 190 0.80 5.74 18.78
C GLN A 190 1.12 7.22 18.59
N CYS A 191 2.23 7.48 17.93
CA CYS A 191 2.66 8.85 17.61
C CYS A 191 1.60 9.56 16.75
N ARG A 192 1.10 8.92 15.70
CA ARG A 192 0.08 9.60 14.88
C ARG A 192 -1.23 9.72 15.66
N ASP A 193 -1.54 8.75 16.52
CA ASP A 193 -2.78 8.82 17.33
C ASP A 193 -2.67 10.01 18.28
N TYR A 194 -1.48 10.26 18.81
CA TYR A 194 -1.30 11.46 19.67
C TYR A 194 -1.56 12.69 18.82
N VAL A 195 -0.96 12.77 17.64
CA VAL A 195 -1.18 13.96 16.78
C VAL A 195 -2.65 14.06 16.36
N ILE A 196 -3.30 12.92 16.10
CA ILE A 196 -4.73 12.95 15.69
C ILE A 196 -5.58 13.46 16.85
N SER A 197 -5.34 12.96 18.06
CA SER A 197 -6.14 13.33 19.25
C SER A 197 -6.06 14.83 19.51
N LEU A 198 -4.97 15.46 19.11
CA LEU A 198 -4.81 16.89 19.28
C LEU A 198 -5.43 17.69 18.12
N GLY A 199 -6.07 17.01 17.17
CA GLY A 199 -6.85 17.69 16.14
C GLY A 199 -6.13 18.09 14.88
N VAL A 200 -5.14 17.32 14.43
CA VAL A 200 -4.40 17.73 13.23
C VAL A 200 -5.27 17.66 11.97
N VAL A 201 -6.23 16.73 11.92
CA VAL A 201 -6.75 16.32 10.61
C VAL A 201 -7.53 17.44 9.96
N LYS A 202 -8.41 18.09 10.70
CA LYS A 202 -9.25 19.13 10.12
C LYS A 202 -8.42 20.28 9.57
N PRO A 203 -7.52 20.91 10.34
CA PRO A 203 -6.67 21.96 9.73
C PRO A 203 -5.83 21.46 8.58
N LEU A 204 -5.33 20.22 8.65
CA LEU A 204 -4.54 19.70 7.52
C LEU A 204 -5.38 19.69 6.25
N LEU A 205 -6.60 19.14 6.33
CA LEU A 205 -7.45 19.00 5.15
C LEU A 205 -7.98 20.34 4.69
N SER A 206 -8.10 21.32 5.58
CA SER A 206 -8.54 22.64 5.17
C SER A 206 -7.55 23.33 4.22
N PHE A 207 -6.32 22.82 4.10
CA PHE A 207 -5.38 23.43 3.15
C PHE A 207 -5.71 23.08 1.69
N ILE A 208 -6.46 22.01 1.42
CA ILE A 208 -6.69 21.53 0.06
C ILE A 208 -7.54 22.57 -0.68
N SER A 209 -6.95 23.19 -1.69
CA SER A 209 -7.65 24.25 -2.41
C SER A 209 -7.04 24.40 -3.78
N PRO A 210 -7.79 24.90 -4.77
CA PRO A 210 -7.16 25.26 -6.05
C PRO A 210 -6.08 26.31 -5.92
N SER A 211 -6.10 27.12 -4.86
CA SER A 211 -5.15 28.22 -4.72
C SER A 211 -3.87 27.82 -4.00
N ILE A 212 -3.74 26.57 -3.57
CA ILE A 212 -2.54 26.14 -2.85
C ILE A 212 -1.45 25.89 -3.89
N PRO A 213 -0.20 26.32 -3.67
CA PRO A 213 0.90 25.88 -4.54
C PRO A 213 0.98 24.35 -4.57
N ILE A 214 1.33 23.79 -5.74
CA ILE A 214 1.29 22.33 -5.90
C ILE A 214 2.29 21.65 -4.96
N THR A 215 3.45 22.26 -4.71
CA THR A 215 4.43 21.61 -3.83
C THR A 215 3.92 21.53 -2.40
N PHE A 216 3.13 22.52 -2.00
CA PHE A 216 2.47 22.49 -0.68
C PHE A 216 1.41 21.38 -0.70
N LEU A 217 0.60 21.29 -1.75
CA LEU A 217 -0.41 20.25 -1.81
C LEU A 217 0.21 18.85 -1.74
N ARG A 218 1.36 18.66 -2.39
CA ARG A 218 2.04 17.37 -2.30
C ARG A 218 2.51 17.09 -0.89
N ASN A 219 2.95 18.12 -0.15
CA ASN A 219 3.29 17.88 1.26
C ASN A 219 2.06 17.47 2.08
N VAL A 220 0.92 18.12 1.84
CA VAL A 220 -0.30 17.75 2.55
C VAL A 220 -0.69 16.30 2.26
N THR A 221 -0.60 15.89 0.99
CA THR A 221 -0.99 14.52 0.65
C THR A 221 0.01 13.50 1.21
N TRP A 222 1.29 13.84 1.28
CA TRP A 222 2.25 12.96 1.96
C TRP A 222 1.88 12.76 3.42
N VAL A 223 1.49 13.86 4.11
CA VAL A 223 1.05 13.71 5.49
C VAL A 223 -0.21 12.84 5.57
N MET A 224 -1.09 12.95 4.57
CA MET A 224 -2.30 12.12 4.56
C MET A 224 -1.96 10.64 4.44
N VAL A 225 -1.05 10.32 3.53
CA VAL A 225 -0.57 8.93 3.43
C VAL A 225 -0.04 8.48 4.79
N ASN A 226 0.77 9.31 5.42
CA ASN A 226 1.36 9.00 6.76
C ASN A 226 0.25 8.71 7.77
N LEU A 227 -0.86 9.42 7.70
CA LEU A 227 -1.97 9.18 8.65
C LEU A 227 -2.64 7.83 8.42
N CYS A 228 -2.58 7.29 7.21
CA CYS A 228 -3.28 6.01 6.86
C CYS A 228 -2.31 4.84 6.87
N ARG A 229 -1.01 5.07 7.01
CA ARG A 229 0.02 4.03 6.84
C ARG A 229 0.06 2.93 7.90
N HIS A 230 -0.35 3.13 9.14
CA HIS A 230 -0.15 2.01 10.10
C HIS A 230 -1.45 1.27 10.34
N LYS A 231 -1.43 -0.05 10.31
CA LYS A 231 -2.70 -0.79 10.49
C LYS A 231 -2.78 -1.44 11.87
N ASP A 232 -1.75 -1.30 12.71
CA ASP A 232 -1.86 -1.93 14.03
C ASP A 232 -1.55 -0.98 15.18
N PRO A 233 -2.55 -0.22 15.64
CA PRO A 233 -3.92 -0.19 15.11
C PRO A 233 -4.05 0.76 13.91
N PRO A 234 -5.09 0.57 13.09
CA PRO A 234 -5.37 1.54 12.03
C PRO A 234 -5.77 2.86 12.65
N PRO A 235 -5.78 3.95 11.89
CA PRO A 235 -6.25 5.22 12.46
C PRO A 235 -7.69 5.09 12.89
N PRO A 236 -8.16 5.95 13.80
CA PRO A 236 -9.55 5.79 14.26
C PRO A 236 -10.54 5.98 13.12
N MET A 237 -11.70 5.36 13.29
CA MET A 237 -12.81 5.45 12.37
C MET A 237 -13.15 6.90 12.03
N GLU A 238 -13.24 7.76 13.05
CA GLU A 238 -13.61 9.15 12.80
C GLU A 238 -12.60 9.83 11.87
N THR A 239 -11.31 9.47 11.99
CA THR A 239 -10.28 10.04 11.13
C THR A 239 -10.40 9.56 9.69
N ILE A 240 -10.69 8.26 9.50
CA ILE A 240 -10.94 7.73 8.17
C ILE A 240 -12.14 8.44 7.55
N GLN A 241 -13.21 8.62 8.33
CA GLN A 241 -14.38 9.34 7.83
C GLN A 241 -14.03 10.77 7.43
N GLU A 242 -13.12 11.42 8.16
CA GLU A 242 -12.71 12.77 7.76
C GLU A 242 -11.84 12.75 6.50
N ILE A 243 -10.94 11.76 6.37
CA ILE A 243 -9.95 11.76 5.31
C ILE A 243 -10.56 11.32 3.98
N LEU A 244 -11.58 10.47 4.02
CA LEU A 244 -12.14 9.95 2.77
C LEU A 244 -12.68 11.06 1.87
N PRO A 245 -13.44 12.06 2.35
CA PRO A 245 -13.88 13.14 1.44
C PRO A 245 -12.73 13.91 0.81
N ALA A 246 -11.64 14.11 1.54
CA ALA A 246 -10.47 14.73 0.92
C ALA A 246 -9.90 13.87 -0.20
N LEU A 247 -9.79 12.54 0.03
CA LEU A 247 -9.28 11.67 -1.03
C LEU A 247 -10.22 11.67 -2.24
N CYS A 248 -11.54 11.72 -1.99
CA CYS A 248 -12.50 11.82 -3.08
C CYS A 248 -12.24 13.08 -3.91
N VAL A 249 -11.87 14.18 -3.26
CA VAL A 249 -11.52 15.39 -4.01
C VAL A 249 -10.25 15.18 -4.81
N LEU A 250 -9.21 14.65 -4.16
CA LEU A 250 -7.87 14.62 -4.75
C LEU A 250 -7.75 13.57 -5.85
N ILE A 251 -8.64 12.58 -5.89
CA ILE A 251 -8.51 11.55 -6.91
C ILE A 251 -8.86 12.08 -8.29
N HIS A 252 -9.44 13.28 -8.39
CA HIS A 252 -9.69 13.95 -9.66
C HIS A 252 -8.59 14.94 -10.03
N HIS A 253 -7.54 15.02 -9.22
CA HIS A 253 -6.40 15.88 -9.51
C HIS A 253 -5.59 15.32 -10.68
N THR A 254 -4.92 16.21 -11.41
CA THR A 254 -4.13 15.81 -12.57
C THR A 254 -2.67 15.53 -12.27
N ASP A 255 -2.11 16.15 -11.22
CA ASP A 255 -0.71 15.95 -10.90
C ASP A 255 -0.43 14.50 -10.50
N VAL A 256 0.63 13.93 -11.06
CA VAL A 256 0.92 12.53 -10.82
C VAL A 256 1.24 12.27 -9.33
N ASN A 257 2.01 13.16 -8.70
CA ASN A 257 2.36 12.95 -7.29
C ASN A 257 1.13 12.93 -6.40
N ILE A 258 0.21 13.87 -6.63
CA ILE A 258 -1.04 13.89 -5.86
C ILE A 258 -1.76 12.57 -6.01
N LEU A 259 -1.89 12.10 -7.25
CA LEU A 259 -2.63 10.88 -7.50
C LEU A 259 -1.96 9.68 -6.87
N VAL A 260 -0.64 9.57 -6.97
CA VAL A 260 0.06 8.46 -6.35
C VAL A 260 -0.17 8.47 -4.85
N ASP A 261 -0.06 9.66 -4.21
CA ASP A 261 -0.27 9.73 -2.74
C ASP A 261 -1.70 9.34 -2.40
N THR A 262 -2.67 9.89 -3.14
CA THR A 262 -4.09 9.63 -2.89
C THR A 262 -4.39 8.14 -2.97
N VAL A 263 -3.94 7.49 -4.04
CA VAL A 263 -4.22 6.08 -4.22
C VAL A 263 -3.45 5.22 -3.21
N TRP A 264 -2.21 5.57 -2.87
CA TRP A 264 -1.51 4.82 -1.81
C TRP A 264 -2.23 4.95 -0.48
N ALA A 265 -2.76 6.14 -0.18
CA ALA A 265 -3.54 6.29 1.04
C ALA A 265 -4.75 5.37 1.01
N LEU A 266 -5.41 5.30 -0.15
CA LEU A 266 -6.55 4.39 -0.33
C LEU A 266 -6.14 2.93 -0.17
N SER A 267 -4.95 2.57 -0.66
CA SER A 267 -4.51 1.19 -0.54
C SER A 267 -4.20 0.84 0.91
N TYR A 268 -3.70 1.80 1.69
CA TYR A 268 -3.53 1.54 3.13
C TYR A 268 -4.87 1.39 3.82
N LEU A 269 -5.85 2.23 3.48
CA LEU A 269 -7.15 2.17 4.13
C LEU A 269 -7.91 0.88 3.79
N THR A 270 -7.76 0.35 2.57
CA THR A 270 -8.46 -0.86 2.16
C THR A 270 -7.78 -2.13 2.66
N ASP A 271 -6.59 -2.01 3.24
CA ASP A 271 -5.84 -3.13 3.76
C ASP A 271 -6.13 -3.37 5.25
N ALA A 272 -7.04 -2.60 5.85
CA ALA A 272 -7.28 -2.66 7.29
C ALA A 272 -8.52 -3.45 7.66
N GLY A 273 -9.11 -4.22 6.75
CA GLY A 273 -10.27 -5.02 7.06
C GLY A 273 -11.49 -4.60 6.25
N ASN A 274 -12.55 -5.38 6.42
CA ASN A 274 -13.74 -5.22 5.59
C ASN A 274 -14.59 -4.01 5.98
N GLU A 275 -14.56 -3.58 7.23
CA GLU A 275 -15.31 -2.38 7.59
C GLU A 275 -14.71 -1.14 6.93
N GLN A 276 -13.38 -1.04 6.91
CA GLN A 276 -12.72 0.06 6.20
C GLN A 276 -12.99 -0.02 4.70
N ILE A 277 -12.96 -1.23 4.14
CA ILE A 277 -13.29 -1.37 2.73
C ILE A 277 -14.70 -0.85 2.47
N GLN A 278 -15.65 -1.18 3.36
CA GLN A 278 -17.01 -0.68 3.18
C GLN A 278 -17.05 0.84 3.27
N MET A 279 -16.26 1.45 4.15
CA MET A 279 -16.23 2.91 4.18
C MET A 279 -15.69 3.48 2.87
N VAL A 280 -14.63 2.88 2.35
CA VAL A 280 -14.06 3.34 1.09
C VAL A 280 -15.10 3.21 -0.03
N ILE A 281 -15.81 2.09 -0.08
CA ILE A 281 -16.88 1.88 -1.06
C ILE A 281 -17.97 2.93 -0.89
N ASP A 282 -18.38 3.17 0.36
CA ASP A 282 -19.45 4.10 0.69
C ASP A 282 -19.10 5.55 0.30
N SER A 283 -17.82 5.89 0.21
CA SER A 283 -17.43 7.26 -0.12
C SER A 283 -17.74 7.62 -1.57
N GLY A 284 -18.00 6.63 -2.44
CA GLY A 284 -18.19 6.87 -3.85
C GLY A 284 -16.92 6.94 -4.69
N ILE A 285 -15.76 6.63 -4.12
CA ILE A 285 -14.49 6.86 -4.81
C ILE A 285 -14.12 5.75 -5.79
N VAL A 286 -14.70 4.54 -5.65
CA VAL A 286 -14.23 3.39 -6.44
C VAL A 286 -14.39 3.61 -7.95
N PRO A 287 -15.51 4.14 -8.46
CA PRO A 287 -15.59 4.34 -9.92
C PRO A 287 -14.52 5.28 -10.44
N HIS A 288 -13.88 6.07 -9.58
CA HIS A 288 -12.78 6.92 -10.04
C HIS A 288 -11.42 6.30 -9.78
N LEU A 289 -11.38 5.24 -8.97
CA LEU A 289 -10.16 4.49 -8.72
C LEU A 289 -9.89 3.47 -9.82
N VAL A 290 -10.92 2.73 -10.22
CA VAL A 290 -10.75 1.70 -11.26
C VAL A 290 -10.17 2.24 -12.57
N PRO A 291 -10.61 3.40 -13.12
CA PRO A 291 -9.99 3.86 -14.39
C PRO A 291 -8.49 4.14 -14.28
N LEU A 292 -7.96 4.38 -13.07
CA LEU A 292 -6.53 4.57 -12.86
C LEU A 292 -5.72 3.29 -13.10
N LEU A 293 -6.36 2.12 -13.16
CA LEU A 293 -5.65 0.91 -13.59
C LEU A 293 -5.02 1.08 -14.97
N SER A 294 -5.55 1.97 -15.82
CA SER A 294 -5.02 2.21 -17.16
C SER A 294 -4.28 3.54 -17.27
N HIS A 295 -3.90 4.13 -16.14
CA HIS A 295 -3.14 5.37 -16.18
C HIS A 295 -1.80 5.14 -16.87
N GLN A 296 -1.31 6.17 -17.55
CA GLN A 296 -0.03 6.07 -18.24
C GLN A 296 1.14 5.93 -17.26
N GLU A 297 1.00 6.44 -16.04
CA GLU A 297 2.10 6.39 -15.08
C GLU A 297 2.03 5.06 -14.32
N VAL A 298 3.11 4.28 -14.38
CA VAL A 298 3.05 2.96 -13.79
C VAL A 298 2.97 3.02 -12.27
N LYS A 299 3.42 4.10 -11.64
CA LYS A 299 3.29 4.23 -10.18
C LYS A 299 1.84 4.41 -9.78
N VAL A 300 1.08 5.15 -10.60
CA VAL A 300 -0.36 5.27 -10.39
C VAL A 300 -1.03 3.90 -10.54
N GLN A 301 -0.72 3.19 -11.65
CA GLN A 301 -1.27 1.86 -11.89
C GLN A 301 -0.98 0.91 -10.75
N THR A 302 0.29 0.83 -10.32
CA THR A 302 0.69 -0.03 -9.21
C THR A 302 -0.15 0.26 -7.97
N ALA A 303 -0.29 1.53 -7.60
CA ALA A 303 -1.06 1.84 -6.40
C ALA A 303 -2.54 1.48 -6.58
N ALA A 304 -3.11 1.81 -7.74
CA ALA A 304 -4.51 1.54 -7.98
C ALA A 304 -4.80 0.05 -7.97
N LEU A 305 -3.91 -0.74 -8.56
CA LEU A 305 -4.07 -2.19 -8.57
C LEU A 305 -3.95 -2.76 -7.17
N ARG A 306 -3.04 -2.22 -6.36
CA ARG A 306 -3.01 -2.64 -4.95
C ARG A 306 -4.32 -2.33 -4.25
N ALA A 307 -4.88 -1.12 -4.46
CA ALA A 307 -6.08 -0.72 -3.72
C ALA A 307 -7.29 -1.54 -4.12
N VAL A 308 -7.54 -1.69 -5.43
CA VAL A 308 -8.69 -2.50 -5.84
C VAL A 308 -8.45 -3.97 -5.52
N GLY A 309 -7.19 -4.44 -5.56
CA GLY A 309 -6.93 -5.79 -5.10
C GLY A 309 -7.31 -5.99 -3.65
N ASN A 310 -6.97 -5.02 -2.79
CA ASN A 310 -7.37 -5.12 -1.38
C ASN A 310 -8.88 -5.17 -1.29
N ILE A 311 -9.57 -4.31 -2.05
CA ILE A 311 -11.03 -4.30 -1.94
C ILE A 311 -11.60 -5.66 -2.30
N VAL A 312 -11.11 -6.29 -3.38
CA VAL A 312 -11.67 -7.57 -3.78
C VAL A 312 -11.21 -8.71 -2.88
N THR A 313 -10.36 -8.46 -1.88
CA THR A 313 -10.27 -9.50 -0.85
C THR A 313 -11.47 -9.50 0.11
N GLY A 314 -12.43 -8.59 -0.07
CA GLY A 314 -13.59 -8.54 0.80
C GLY A 314 -14.66 -9.52 0.37
N THR A 315 -15.90 -9.24 0.78
CA THR A 315 -17.01 -10.12 0.49
C THR A 315 -17.32 -10.17 -1.01
N ASP A 316 -18.24 -11.07 -1.37
CA ASP A 316 -18.69 -11.17 -2.76
C ASP A 316 -19.31 -9.86 -3.23
N GLU A 317 -20.13 -9.22 -2.39
CA GLU A 317 -20.81 -7.99 -2.80
C GLU A 317 -19.85 -6.82 -2.91
N GLN A 318 -18.90 -6.72 -1.99
CA GLN A 318 -17.88 -5.68 -2.14
C GLN A 318 -17.06 -5.91 -3.40
N THR A 319 -16.72 -7.16 -3.69
CA THR A 319 -16.05 -7.50 -4.95
C THR A 319 -16.89 -7.08 -6.15
N GLN A 320 -18.20 -7.31 -6.07
CA GLN A 320 -19.07 -6.99 -7.19
C GLN A 320 -19.07 -5.50 -7.50
N VAL A 321 -18.96 -4.66 -6.46
CA VAL A 321 -18.83 -3.22 -6.68
C VAL A 321 -17.67 -2.90 -7.64
N VAL A 322 -16.50 -3.45 -7.36
CA VAL A 322 -15.34 -3.25 -8.22
C VAL A 322 -15.63 -3.79 -9.62
N LEU A 323 -16.21 -4.99 -9.70
CA LEU A 323 -16.48 -5.58 -11.01
C LEU A 323 -17.43 -4.71 -11.82
N ASN A 324 -18.38 -4.05 -11.13
CA ASN A 324 -19.39 -3.20 -11.75
C ASN A 324 -18.82 -1.85 -12.13
N CYS A 325 -17.58 -1.57 -11.74
CA CYS A 325 -16.88 -0.43 -12.32
C CYS A 325 -16.13 -0.75 -13.63
N ASP A 326 -16.47 -1.83 -14.31
CA ASP A 326 -15.76 -2.25 -15.52
C ASP A 326 -14.31 -2.66 -15.24
N ALA A 327 -14.01 -3.22 -14.07
CA ALA A 327 -12.61 -3.44 -13.69
C ALA A 327 -11.90 -4.38 -14.67
N LEU A 328 -12.57 -5.46 -15.07
CA LEU A 328 -11.87 -6.53 -15.76
C LEU A 328 -11.39 -6.11 -17.15
N SER A 329 -12.05 -5.13 -17.77
CA SER A 329 -11.61 -4.63 -19.06
C SER A 329 -10.22 -4.02 -19.00
N HIS A 330 -9.73 -3.64 -17.82
CA HIS A 330 -8.38 -3.13 -17.68
C HIS A 330 -7.32 -4.22 -17.60
N PHE A 331 -7.71 -5.48 -17.44
CA PHE A 331 -6.72 -6.48 -17.10
C PHE A 331 -5.86 -7.03 -18.25
N PRO A 332 -6.35 -7.11 -19.48
CA PRO A 332 -5.43 -7.53 -20.57
C PRO A 332 -4.10 -6.79 -20.54
N ALA A 333 -4.15 -5.46 -20.40
CA ALA A 333 -2.94 -4.64 -20.36
C ALA A 333 -2.13 -4.90 -19.09
N LEU A 334 -2.77 -5.27 -17.97
CA LEU A 334 -1.99 -5.59 -16.79
C LEU A 334 -1.38 -6.97 -16.88
N LEU A 335 -2.08 -7.93 -17.51
CA LEU A 335 -1.56 -9.30 -17.53
C LEU A 335 -0.41 -9.42 -18.52
N THR A 336 -0.35 -8.54 -19.50
CA THR A 336 0.72 -8.53 -20.49
C THR A 336 1.70 -7.41 -20.21
N HIS A 337 1.58 -6.77 -19.05
CA HIS A 337 2.41 -5.61 -18.77
C HIS A 337 3.87 -6.03 -18.74
N PRO A 338 4.80 -5.17 -19.21
CA PRO A 338 6.22 -5.53 -19.12
C PRO A 338 6.70 -5.78 -17.70
N LYS A 339 6.06 -5.19 -16.71
CA LYS A 339 6.54 -5.25 -15.33
C LYS A 339 5.95 -6.47 -14.63
N GLU A 340 6.81 -7.38 -14.21
CA GLU A 340 6.34 -8.60 -13.57
C GLU A 340 5.55 -8.33 -12.30
N LYS A 341 5.90 -7.30 -11.54
CA LYS A 341 5.12 -7.01 -10.34
C LYS A 341 3.68 -6.66 -10.69
N ILE A 342 3.49 -5.98 -11.81
CA ILE A 342 2.14 -5.72 -12.29
C ILE A 342 1.44 -7.02 -12.62
N ASN A 343 2.08 -7.90 -13.42
CA ASN A 343 1.47 -9.20 -13.76
C ASN A 343 1.04 -9.94 -12.50
N LYS A 344 1.93 -9.95 -11.50
CA LYS A 344 1.70 -10.69 -10.26
C LYS A 344 0.51 -10.13 -9.48
N GLU A 345 0.49 -8.82 -9.24
CA GLU A 345 -0.65 -8.24 -8.52
C GLU A 345 -1.95 -8.41 -9.32
N ALA A 346 -1.86 -8.36 -10.66
CA ALA A 346 -3.05 -8.51 -11.49
C ALA A 346 -3.63 -9.91 -11.34
N VAL A 347 -2.78 -10.93 -11.38
CA VAL A 347 -3.28 -12.28 -11.20
C VAL A 347 -3.76 -12.48 -9.76
N TRP A 348 -3.12 -11.82 -8.79
CA TRP A 348 -3.60 -11.92 -7.41
C TRP A 348 -5.04 -11.40 -7.31
N PHE A 349 -5.27 -10.19 -7.83
CA PHE A 349 -6.61 -9.64 -7.99
C PHE A 349 -7.56 -10.66 -8.61
N LEU A 350 -7.19 -11.16 -9.80
CA LEU A 350 -8.03 -12.13 -10.50
C LEU A 350 -8.31 -13.35 -9.64
N SER A 351 -7.32 -13.81 -8.88
CA SER A 351 -7.50 -14.97 -8.01
C SER A 351 -8.54 -14.66 -6.93
N ASN A 352 -8.64 -13.40 -6.52
CA ASN A 352 -9.70 -13.07 -5.59
C ASN A 352 -11.04 -12.87 -6.28
N ILE A 353 -11.05 -12.76 -7.61
CA ILE A 353 -12.32 -12.84 -8.35
C ILE A 353 -12.75 -14.29 -8.58
N THR A 354 -11.82 -15.19 -8.89
CA THR A 354 -12.24 -16.56 -9.18
C THR A 354 -12.58 -17.32 -7.92
N ALA A 355 -12.34 -16.71 -6.76
CA ALA A 355 -12.79 -17.25 -5.48
C ALA A 355 -14.22 -16.84 -5.16
N GLY A 356 -14.88 -16.09 -6.04
CA GLY A 356 -16.22 -15.61 -5.79
C GLY A 356 -17.28 -16.56 -6.30
N ASN A 357 -18.50 -16.04 -6.44
CA ASN A 357 -19.60 -16.85 -6.90
C ASN A 357 -19.45 -17.17 -8.39
N GLN A 358 -20.32 -18.05 -8.88
CA GLN A 358 -20.22 -18.52 -10.26
C GLN A 358 -20.33 -17.38 -11.26
N GLN A 359 -21.03 -16.30 -10.90
CA GLN A 359 -21.17 -15.20 -11.84
C GLN A 359 -19.88 -14.39 -11.94
N GLN A 360 -19.13 -14.27 -10.86
CA GLN A 360 -17.85 -13.58 -10.93
C GLN A 360 -16.81 -14.42 -11.67
N VAL A 361 -16.85 -15.74 -11.45
CA VAL A 361 -16.05 -16.67 -12.25
C VAL A 361 -16.38 -16.51 -13.73
N GLN A 362 -17.68 -16.50 -14.06
CA GLN A 362 -18.08 -16.30 -15.45
C GLN A 362 -17.62 -14.94 -15.98
N ALA A 363 -17.59 -13.91 -15.12
CA ALA A 363 -17.15 -12.61 -15.62
C ALA A 363 -15.68 -12.65 -15.99
N VAL A 364 -14.87 -13.40 -15.23
CA VAL A 364 -13.47 -13.57 -15.63
C VAL A 364 -13.40 -14.34 -16.95
N ILE A 365 -14.22 -15.38 -17.09
CA ILE A 365 -14.18 -16.17 -18.31
C ILE A 365 -14.56 -15.33 -19.52
N ASP A 366 -15.60 -14.50 -19.38
CA ASP A 366 -16.11 -13.73 -20.51
C ASP A 366 -15.26 -12.50 -20.80
N ALA A 367 -14.39 -12.10 -19.88
CA ALA A 367 -13.41 -11.07 -20.18
C ALA A 367 -12.20 -11.62 -20.93
N ASN A 368 -12.20 -12.92 -21.23
CA ASN A 368 -11.14 -13.57 -22.00
C ASN A 368 -9.79 -13.52 -21.29
N LEU A 369 -9.80 -13.55 -19.95
CA LEU A 369 -8.57 -13.51 -19.17
C LEU A 369 -7.95 -14.86 -18.91
N VAL A 370 -8.69 -15.95 -19.06
CA VAL A 370 -8.20 -17.26 -18.64
C VAL A 370 -7.00 -17.71 -19.48
N PRO A 371 -6.99 -17.59 -20.81
CA PRO A 371 -5.78 -18.00 -21.55
C PRO A 371 -4.52 -17.29 -21.06
N MET A 372 -4.62 -16.01 -20.69
CA MET A 372 -3.43 -15.31 -20.22
C MET A 372 -3.04 -15.70 -18.80
N ILE A 373 -4.02 -16.02 -17.95
CA ILE A 373 -3.69 -16.52 -16.62
C ILE A 373 -2.92 -17.83 -16.76
N ILE A 374 -3.39 -18.71 -17.64
CA ILE A 374 -2.72 -19.98 -17.84
C ILE A 374 -1.34 -19.75 -18.44
N HIS A 375 -1.20 -18.77 -19.33
CA HIS A 375 0.12 -18.46 -19.89
C HIS A 375 1.09 -18.03 -18.81
N LEU A 376 0.62 -17.20 -17.87
CA LEU A 376 1.50 -16.78 -16.76
C LEU A 376 1.79 -17.94 -15.81
N LEU A 377 0.82 -18.82 -15.60
CA LEU A 377 1.05 -20.03 -14.81
C LEU A 377 2.14 -20.87 -15.44
N ASP A 378 2.25 -20.80 -16.76
CA ASP A 378 3.25 -21.57 -17.50
C ASP A 378 4.61 -20.88 -17.48
N LYS A 379 4.65 -19.60 -17.85
CA LYS A 379 5.87 -18.94 -18.26
C LYS A 379 6.24 -17.75 -17.38
N GLY A 380 5.45 -17.44 -16.35
CA GLY A 380 5.69 -16.25 -15.57
C GLY A 380 6.81 -16.43 -14.56
N ASP A 381 7.18 -15.32 -13.93
CA ASP A 381 8.04 -15.40 -12.76
C ASP A 381 7.37 -16.20 -11.66
N PHE A 382 8.16 -16.61 -10.68
CA PHE A 382 7.66 -17.50 -9.64
C PHE A 382 6.49 -16.89 -8.88
N GLY A 383 6.57 -15.60 -8.55
CA GLY A 383 5.49 -14.96 -7.79
C GLY A 383 4.19 -14.93 -8.56
N THR A 384 4.27 -14.60 -9.86
CA THR A 384 3.09 -14.64 -10.72
C THR A 384 2.55 -16.04 -10.86
N GLN A 385 3.44 -17.02 -11.07
CA GLN A 385 3.00 -18.42 -11.15
C GLN A 385 2.24 -18.83 -9.91
N LYS A 386 2.70 -18.39 -8.73
CA LYS A 386 2.02 -18.74 -7.48
C LYS A 386 0.62 -18.14 -7.43
N GLU A 387 0.50 -16.84 -7.75
CA GLU A 387 -0.83 -16.23 -7.79
C GLU A 387 -1.73 -16.91 -8.83
N ALA A 388 -1.15 -17.35 -9.95
CA ALA A 388 -1.96 -18.00 -10.98
C ALA A 388 -2.43 -19.37 -10.53
N ALA A 389 -1.57 -20.10 -9.81
CA ALA A 389 -2.01 -21.36 -9.24
C ALA A 389 -3.18 -21.12 -8.30
N TRP A 390 -3.11 -20.04 -7.51
CA TRP A 390 -4.25 -19.69 -6.65
C TRP A 390 -5.49 -19.35 -7.47
N ALA A 391 -5.35 -18.60 -8.56
CA ALA A 391 -6.52 -18.28 -9.39
C ALA A 391 -7.15 -19.54 -9.98
N ILE A 392 -6.32 -20.48 -10.44
CA ILE A 392 -6.83 -21.74 -10.97
C ILE A 392 -7.53 -22.55 -9.88
N SER A 393 -6.87 -22.74 -8.73
CA SER A 393 -7.47 -23.54 -7.66
C SER A 393 -8.74 -22.90 -7.13
N ASN A 394 -8.71 -21.58 -6.94
CA ASN A 394 -9.88 -20.86 -6.46
C ASN A 394 -11.07 -21.07 -7.38
N LEU A 395 -10.86 -21.10 -8.70
CA LEU A 395 -12.02 -21.22 -9.58
C LEU A 395 -12.83 -22.47 -9.27
N THR A 396 -12.21 -23.48 -8.66
CA THR A 396 -12.93 -24.71 -8.35
C THR A 396 -13.67 -24.62 -7.01
N ILE A 397 -14.05 -23.41 -6.59
CA ILE A 397 -14.81 -23.30 -5.34
C ILE A 397 -16.31 -23.19 -5.65
N SER A 398 -16.72 -22.13 -6.33
CA SER A 398 -18.12 -21.97 -6.73
C SER A 398 -18.33 -22.12 -8.23
N GLY A 399 -17.27 -22.44 -8.98
CA GLY A 399 -17.42 -22.63 -10.40
C GLY A 399 -18.24 -23.86 -10.73
N ARG A 400 -19.02 -23.76 -11.82
CA ARG A 400 -19.76 -24.89 -12.34
C ARG A 400 -18.83 -25.88 -13.06
N LYS A 401 -19.36 -27.07 -13.32
CA LYS A 401 -18.59 -28.06 -14.07
C LYS A 401 -18.19 -27.54 -15.43
N ASP A 402 -19.06 -26.76 -16.08
CA ASP A 402 -18.72 -26.28 -17.42
C ASP A 402 -17.65 -25.18 -17.39
N GLN A 403 -17.61 -24.37 -16.34
CA GLN A 403 -16.52 -23.41 -16.23
C GLN A 403 -15.18 -24.13 -16.03
N VAL A 404 -15.17 -25.18 -15.21
CA VAL A 404 -13.98 -26.00 -15.03
C VAL A 404 -13.62 -26.72 -16.32
N ALA A 405 -14.62 -27.21 -17.04
CA ALA A 405 -14.37 -27.85 -18.32
C ALA A 405 -13.76 -26.87 -19.30
N TYR A 406 -14.19 -25.61 -19.26
CA TYR A 406 -13.56 -24.60 -20.08
C TYR A 406 -12.09 -24.47 -19.74
N LEU A 407 -11.76 -24.46 -18.44
CA LEU A 407 -10.36 -24.48 -18.04
C LEU A 407 -9.64 -25.67 -18.67
N ILE A 408 -10.28 -26.84 -18.65
CA ILE A 408 -9.65 -28.04 -19.19
C ILE A 408 -9.37 -27.89 -20.69
N GLN A 409 -10.35 -27.34 -21.42
CA GLN A 409 -10.17 -27.12 -22.85
C GLN A 409 -9.09 -26.07 -23.13
N GLN A 410 -8.73 -25.26 -22.14
CA GLN A 410 -7.67 -24.27 -22.29
C GLN A 410 -6.30 -24.81 -21.88
N ASN A 411 -6.18 -26.12 -21.68
CA ASN A 411 -4.91 -26.79 -21.41
C ASN A 411 -4.25 -26.24 -20.14
N VAL A 412 -5.06 -26.14 -19.07
CA VAL A 412 -4.55 -25.75 -17.76
C VAL A 412 -3.60 -26.82 -17.17
N ILE A 413 -3.79 -28.08 -17.52
CA ILE A 413 -3.18 -29.17 -16.75
C ILE A 413 -1.66 -29.26 -16.79
N PRO A 414 -0.98 -29.17 -17.94
CA PRO A 414 0.52 -29.29 -17.94
C PRO A 414 1.22 -28.21 -17.13
N PRO A 415 0.97 -26.92 -17.36
CA PRO A 415 1.70 -25.90 -16.57
C PRO A 415 1.27 -25.85 -15.10
N PHE A 416 0.10 -26.40 -14.78
CA PHE A 416 -0.34 -26.49 -13.40
C PHE A 416 0.38 -27.63 -12.70
N CYS A 417 0.56 -28.75 -13.39
CA CYS A 417 1.29 -29.88 -12.82
C CYS A 417 2.78 -29.60 -12.68
N ASN A 418 3.37 -28.81 -13.59
CA ASN A 418 4.79 -28.52 -13.43
C ASN A 418 5.11 -27.74 -12.16
N LEU A 419 4.11 -27.17 -11.48
CA LEU A 419 4.39 -26.49 -10.23
C LEU A 419 4.58 -27.45 -9.05
N LEU A 420 4.26 -28.75 -9.23
CA LEU A 420 4.37 -29.73 -8.15
C LEU A 420 5.80 -29.94 -7.66
N THR A 421 6.79 -29.48 -8.41
CA THR A 421 8.18 -29.68 -8.06
C THR A 421 8.76 -28.57 -7.20
N VAL A 422 8.11 -27.40 -7.17
CA VAL A 422 8.67 -26.26 -6.47
C VAL A 422 8.83 -26.58 -4.99
N LYS A 423 9.91 -26.06 -4.39
CA LYS A 423 10.16 -26.33 -2.98
C LYS A 423 9.18 -25.60 -2.08
N ASP A 424 8.46 -24.61 -2.61
CA ASP A 424 7.44 -23.90 -1.83
C ASP A 424 6.30 -24.88 -1.53
N ALA A 425 6.24 -25.35 -0.28
CA ALA A 425 5.22 -26.34 0.07
C ALA A 425 3.82 -25.79 -0.11
N GLN A 426 3.62 -24.50 0.14
CA GLN A 426 2.30 -23.90 -0.01
C GLN A 426 1.80 -24.03 -1.45
N VAL A 427 2.66 -23.75 -2.43
CA VAL A 427 2.26 -23.83 -3.83
C VAL A 427 1.89 -25.27 -4.20
N VAL A 428 2.73 -26.23 -3.79
CA VAL A 428 2.46 -27.63 -4.09
C VAL A 428 1.11 -28.03 -3.50
N GLN A 429 0.84 -27.59 -2.27
CA GLN A 429 -0.45 -27.85 -1.66
C GLN A 429 -1.58 -27.31 -2.52
N VAL A 430 -1.50 -26.04 -2.93
CA VAL A 430 -2.61 -25.42 -3.66
C VAL A 430 -2.87 -26.15 -4.96
N VAL A 431 -1.80 -26.60 -5.63
CA VAL A 431 -1.97 -27.29 -6.90
C VAL A 431 -2.58 -28.68 -6.71
N LEU A 432 -2.11 -29.43 -5.70
CA LEU A 432 -2.74 -30.71 -5.39
C LEU A 432 -4.21 -30.52 -5.04
N ASP A 433 -4.52 -29.46 -4.28
CA ASP A 433 -5.90 -29.10 -3.97
C ASP A 433 -6.72 -28.99 -5.25
N GLY A 434 -6.30 -28.08 -6.14
CA GLY A 434 -7.08 -27.83 -7.34
C GLY A 434 -7.25 -29.08 -8.19
N LEU A 435 -6.17 -29.86 -8.35
CA LEU A 435 -6.27 -31.09 -9.12
C LEU A 435 -7.32 -32.02 -8.52
N SER A 436 -7.30 -32.20 -7.20
CA SER A 436 -8.29 -33.06 -6.56
C SER A 436 -9.70 -32.54 -6.79
N ASN A 437 -9.92 -31.23 -6.62
CA ASN A 437 -11.26 -30.69 -6.74
C ASN A 437 -11.80 -30.88 -8.16
N ILE A 438 -10.98 -30.57 -9.17
CA ILE A 438 -11.42 -30.70 -10.55
C ILE A 438 -11.66 -32.17 -10.91
N LEU A 439 -10.80 -33.08 -10.42
CA LEU A 439 -11.03 -34.49 -10.70
C LEU A 439 -12.32 -34.98 -10.03
N LYS A 440 -12.66 -34.42 -8.86
CA LYS A 440 -13.81 -34.90 -8.10
C LYS A 440 -15.13 -34.63 -8.81
N MET A 441 -15.17 -33.64 -9.70
CA MET A 441 -16.41 -33.16 -10.31
C MET A 441 -16.41 -33.26 -11.83
N ALA A 442 -15.49 -34.02 -12.40
CA ALA A 442 -15.38 -34.19 -13.84
C ALA A 442 -15.61 -35.66 -14.18
N GLU A 443 -16.65 -36.24 -13.59
CA GLU A 443 -16.81 -37.69 -13.50
C GLU A 443 -16.74 -38.36 -14.87
N ASP A 444 -17.56 -37.85 -15.81
CA ASP A 444 -17.91 -38.59 -17.01
C ASP A 444 -16.67 -38.91 -17.87
N GLU A 445 -15.64 -38.09 -17.79
CA GLU A 445 -14.34 -38.38 -18.37
C GLU A 445 -13.20 -37.97 -17.42
N ALA A 446 -13.37 -38.22 -16.11
CA ALA A 446 -12.25 -38.06 -15.18
C ALA A 446 -11.02 -38.85 -15.66
N GLU A 447 -11.27 -40.06 -16.18
CA GLU A 447 -10.21 -40.88 -16.76
C GLU A 447 -9.37 -40.08 -17.75
N THR A 448 -10.05 -39.37 -18.66
CA THR A 448 -9.31 -38.60 -19.66
C THR A 448 -8.41 -37.56 -18.99
N ILE A 449 -8.93 -36.88 -17.96
CA ILE A 449 -8.10 -35.89 -17.26
C ILE A 449 -6.88 -36.59 -16.65
N GLY A 450 -7.07 -37.81 -16.14
CA GLY A 450 -5.93 -38.57 -15.65
C GLY A 450 -4.87 -38.76 -16.73
N ASN A 451 -5.31 -39.10 -17.94
CA ASN A 451 -4.39 -39.14 -19.08
C ASN A 451 -3.58 -37.86 -19.16
N LEU A 452 -4.28 -36.71 -19.12
CA LEU A 452 -3.60 -35.43 -19.19
C LEU A 452 -2.60 -35.29 -18.05
N ILE A 453 -2.99 -35.67 -16.84
CA ILE A 453 -2.04 -35.63 -15.73
C ILE A 453 -0.92 -36.63 -15.98
N GLU A 454 -1.27 -37.82 -16.48
CA GLU A 454 -0.28 -38.86 -16.69
C GLU A 454 0.74 -38.46 -17.76
N GLU A 455 0.25 -38.07 -18.95
CA GLU A 455 1.14 -37.82 -20.09
C GLU A 455 1.88 -36.50 -19.97
N CYS A 456 1.38 -35.60 -19.11
CA CYS A 456 2.12 -34.41 -18.70
C CYS A 456 3.43 -34.74 -18.00
N GLY A 457 3.53 -35.91 -17.38
CA GLY A 457 4.54 -36.14 -16.38
C GLY A 457 4.11 -35.76 -14.97
N GLY A 458 2.86 -35.34 -14.79
CA GLY A 458 2.39 -34.93 -13.48
C GLY A 458 2.13 -36.08 -12.52
N LEU A 459 1.75 -37.24 -13.05
CA LEU A 459 1.53 -38.41 -12.20
C LEU A 459 2.82 -38.82 -11.49
N GLU A 460 3.97 -38.70 -12.18
CA GLU A 460 5.26 -38.92 -11.52
C GLU A 460 5.49 -37.88 -10.43
N LYS A 461 5.11 -36.62 -10.69
CA LYS A 461 5.22 -35.60 -9.65
C LYS A 461 4.45 -36.02 -8.40
N ILE A 462 3.22 -36.49 -8.57
CA ILE A 462 2.43 -36.90 -7.41
C ILE A 462 3.03 -38.15 -6.75
N GLU A 463 3.45 -39.13 -7.56
CA GLU A 463 3.97 -40.38 -7.00
C GLU A 463 5.36 -40.23 -6.39
N GLN A 464 6.01 -39.08 -6.55
CA GLN A 464 7.21 -38.79 -5.78
C GLN A 464 6.99 -37.75 -4.69
N LEU A 465 5.90 -36.96 -4.78
CA LEU A 465 5.42 -36.22 -3.63
C LEU A 465 4.88 -37.16 -2.55
N GLN A 466 4.63 -38.42 -2.92
CA GLN A 466 4.37 -39.49 -1.96
C GLN A 466 5.33 -39.46 -0.78
N ASN A 467 6.59 -39.09 -1.01
CA ASN A 467 7.63 -39.09 0.01
C ASN A 467 7.95 -37.68 0.53
N HIS A 468 6.99 -36.77 0.49
CA HIS A 468 7.23 -35.41 0.93
C HIS A 468 7.21 -35.31 2.45
N GLU A 469 7.68 -34.17 2.95
CA GLU A 469 7.76 -33.93 4.40
C GLU A 469 6.41 -33.48 4.97
N ASN A 470 5.77 -32.50 4.32
CA ASN A 470 4.54 -31.91 4.83
C ASN A 470 3.42 -32.94 4.88
N GLU A 471 2.65 -32.93 5.97
CA GLU A 471 1.65 -33.96 6.20
C GLU A 471 0.54 -33.90 5.16
N ASP A 472 -0.06 -32.73 4.98
CA ASP A 472 -1.16 -32.58 4.03
C ASP A 472 -0.73 -32.96 2.62
N ILE A 473 0.51 -32.63 2.26
CA ILE A 473 1.01 -32.85 0.90
C ILE A 473 0.97 -34.33 0.53
N TYR A 474 1.75 -35.16 1.24
CA TYR A 474 1.75 -36.58 0.89
C TYR A 474 0.42 -37.24 1.23
N LYS A 475 -0.35 -36.68 2.18
CA LYS A 475 -1.70 -37.18 2.43
C LYS A 475 -2.54 -37.14 1.16
N LEU A 476 -2.75 -35.95 0.60
CA LEU A 476 -3.60 -35.95 -0.59
C LEU A 476 -2.88 -36.49 -1.81
N ALA A 477 -1.55 -36.59 -1.80
CA ALA A 477 -0.86 -37.28 -2.88
C ALA A 477 -1.26 -38.76 -2.93
N TYR A 478 -1.18 -39.43 -1.76
CA TYR A 478 -1.68 -40.80 -1.68
C TYR A 478 -3.17 -40.87 -2.01
N GLU A 479 -3.95 -39.92 -1.52
CA GLU A 479 -5.40 -39.93 -1.75
C GLU A 479 -5.72 -39.86 -3.25
N ILE A 480 -5.10 -38.92 -3.96
CA ILE A 480 -5.37 -38.74 -5.38
C ILE A 480 -4.89 -39.96 -6.16
N ILE A 481 -3.68 -40.46 -5.85
CA ILE A 481 -3.18 -41.63 -6.57
C ILE A 481 -4.04 -42.86 -6.29
N ASP A 482 -4.69 -42.91 -5.11
CA ASP A 482 -5.53 -44.05 -4.80
C ASP A 482 -6.84 -43.99 -5.57
N GLN A 483 -7.60 -42.90 -5.39
CA GLN A 483 -8.94 -42.86 -6.00
C GLN A 483 -8.87 -42.69 -7.51
N PHE A 484 -8.03 -41.80 -8.01
CA PHE A 484 -8.10 -41.40 -9.41
C PHE A 484 -7.00 -41.99 -10.28
N PHE A 485 -6.23 -42.96 -9.78
CA PHE A 485 -5.20 -43.59 -10.58
C PHE A 485 -5.14 -45.09 -10.30
N GLU B 3 6.06 -0.38 -4.32
CA GLU B 3 5.86 0.05 -2.91
C GLU B 3 6.75 1.25 -2.63
N GLU B 4 6.62 2.30 -3.44
CA GLU B 4 7.48 3.49 -3.26
C GLU B 4 6.61 4.68 -2.85
N VAL B 5 6.51 4.93 -1.55
CA VAL B 5 5.74 6.10 -1.01
C VAL B 5 6.42 6.52 0.30
N GLN B 6 7.12 7.66 0.25
CA GLN B 6 7.97 8.22 1.33
C GLN B 6 7.27 8.29 2.68
N ARG B 7 8.03 8.08 3.75
CA ARG B 7 7.43 8.15 5.09
C ARG B 7 8.05 9.30 5.91
N LYS B 8 9.29 9.67 5.63
CA LYS B 8 10.09 10.57 6.44
C LYS B 8 11.02 11.33 5.52
N ARG B 9 11.05 12.65 5.68
CA ARG B 9 11.60 13.52 4.65
C ARG B 9 12.40 14.63 5.31
N GLN B 10 13.69 14.60 5.08
CA GLN B 10 14.57 15.71 5.41
C GLN B 10 14.40 16.84 4.39
N LYS B 11 14.29 18.07 4.89
CA LYS B 11 14.19 19.26 4.03
C LYS B 11 15.59 19.78 3.76
N LEU B 12 16.10 19.52 2.56
CA LEU B 12 17.39 20.05 2.15
C LEU B 12 17.22 21.39 1.44
N MET B 13 18.25 22.21 1.53
CA MET B 13 18.23 23.50 0.85
C MET B 13 18.23 23.29 -0.66
N PRO B 14 17.20 23.72 -1.39
CA PRO B 14 17.12 23.51 -2.84
C PRO B 14 17.93 24.56 -3.62
#